data_3EWN
#
_entry.id   3EWN
#
_cell.length_a   63.749
_cell.length_b   63.749
_cell.length_c   103.193
_cell.angle_alpha   90.00
_cell.angle_beta   90.00
_cell.angle_gamma   120.00
#
_symmetry.space_group_name_H-M   'P 32 2 1'
#
loop_
_entity.id
_entity.type
_entity.pdbx_description
1 polymer 'ThiJ/PfpI family protein'
2 non-polymer GLYCEROL
3 water water
#
_entity_poly.entity_id   1
_entity_poly.type   'polypeptide(L)'
_entity_poly.pdbx_seq_one_letter_code
;(MSE)SLHPHA(MSE)PD(MSE)GPD(MSE)NKVPW(MSE)GDEQIA(MSE)LVYPG(MSE)TV(MSE)DLVGPHC
(MSE)FGSL(MSE)GAKIYIVAKSLDPVTSDAGLAIVPTATFGTCPRDLTVLFAPGGTDGTLAAASDAETLAF(MSE)AD
RGARAKYITSVCSGSLILGAAGLLKGYKATSHWSCRDALAGFGAIPTEARVVRDRNRITGAGVTAGLDFGLS(MSE)VAE
LRDQTYAECAQL(MSE)SEYDPDPPFNAGS(MSE)KTAPAHVRTA(MSE)IELVAEFTKKADALAGFPKEGHHHHHH
;
_entity_poly.pdbx_strand_id   A
#
loop_
_chem_comp.id
_chem_comp.type
_chem_comp.name
_chem_comp.formula
GOL non-polymer GLYCEROL 'C3 H8 O3'
#
# COMPACT_ATOMS: atom_id res chain seq x y z
N SER A 2 6.22 6.91 -28.63
CA SER A 2 7.48 7.07 -27.86
C SER A 2 8.42 8.10 -28.45
N LEU A 3 7.90 8.99 -29.31
CA LEU A 3 8.74 10.03 -29.89
C LEU A 3 9.49 10.65 -28.72
N HIS A 4 8.75 10.90 -27.65
CA HIS A 4 9.29 11.46 -26.42
C HIS A 4 8.81 10.53 -25.31
N PRO A 5 9.72 10.16 -24.38
CA PRO A 5 11.13 10.53 -24.29
C PRO A 5 11.99 9.90 -25.38
N HIS A 6 12.97 10.67 -25.85
CA HIS A 6 13.88 10.20 -26.88
C HIS A 6 15.14 9.69 -26.18
N ALA A 7 15.78 10.57 -25.42
CA ALA A 7 16.98 10.22 -24.68
C ALA A 7 16.99 11.04 -23.39
N MSE A 8 17.49 10.43 -22.32
CA MSE A 8 17.56 11.11 -21.03
C MSE A 8 18.54 12.27 -21.09
O MSE A 8 19.55 12.20 -21.79
CB MSE A 8 18.05 10.16 -19.94
CG MSE A 8 17.00 9.35 -19.27
SE MSE A 8 17.65 8.76 -17.55
CE MSE A 8 16.85 10.14 -16.50
N PRO A 9 18.25 13.35 -20.35
CA PRO A 9 19.17 14.50 -20.36
C PRO A 9 20.42 14.02 -19.64
N ASP A 10 21.54 14.71 -19.80
CA ASP A 10 22.77 14.30 -19.14
C ASP A 10 22.62 14.44 -17.62
N MSE A 11 22.50 13.30 -16.93
CA MSE A 11 22.36 13.26 -15.48
C MSE A 11 23.63 13.62 -14.74
O MSE A 11 23.59 13.96 -13.54
CB MSE A 11 21.92 11.86 -15.03
CG MSE A 11 20.52 11.45 -15.45
SE MSE A 11 19.16 12.62 -14.77
CE MSE A 11 18.05 11.32 -13.89
N GLY A 12 24.76 13.55 -15.43
CA GLY A 12 26.03 13.86 -14.79
C GLY A 12 26.95 12.66 -14.79
N PRO A 13 28.27 12.87 -14.58
CA PRO A 13 29.26 11.78 -14.56
C PRO A 13 29.07 10.77 -13.43
N ASP A 14 28.42 11.19 -12.35
CA ASP A 14 28.21 10.33 -11.19
C ASP A 14 26.92 9.49 -11.24
N MSE A 15 26.20 9.56 -12.36
CA MSE A 15 24.94 8.83 -12.46
C MSE A 15 24.89 7.69 -13.48
O MSE A 15 23.83 7.14 -13.76
CB MSE A 15 23.81 9.82 -12.78
CG MSE A 15 23.76 11.00 -11.83
SE MSE A 15 23.49 10.50 -9.98
CE MSE A 15 21.60 10.81 -9.91
N ASN A 16 26.05 7.31 -14.02
CA ASN A 16 26.11 6.26 -15.03
C ASN A 16 25.75 4.84 -14.56
N LYS A 17 25.79 4.60 -13.24
CA LYS A 17 25.47 3.25 -12.74
C LYS A 17 24.09 3.13 -12.10
N VAL A 18 23.37 4.24 -12.00
CA VAL A 18 22.02 4.20 -11.42
C VAL A 18 21.12 3.41 -12.35
N PRO A 19 20.33 2.46 -11.81
CA PRO A 19 19.43 1.67 -12.66
C PRO A 19 18.20 2.48 -13.09
N TRP A 20 18.39 3.38 -14.04
CA TRP A 20 17.32 4.23 -14.54
C TRP A 20 16.13 3.46 -15.10
N MSE A 21 16.43 2.41 -15.88
CA MSE A 21 15.39 1.60 -16.50
C MSE A 21 15.06 0.34 -15.71
O MSE A 21 15.92 -0.26 -15.07
CB MSE A 21 15.77 1.19 -17.92
CG MSE A 21 15.45 2.22 -19.00
SE MSE A 21 13.56 2.59 -19.13
CE MSE A 21 12.92 0.83 -19.35
N GLY A 22 13.79 -0.06 -15.77
CA GLY A 22 13.34 -1.25 -15.08
C GLY A 22 12.18 -1.84 -15.85
N ASP A 23 11.68 -3.00 -15.41
CA ASP A 23 10.57 -3.66 -16.09
C ASP A 23 9.60 -4.26 -15.09
N GLU A 24 9.44 -3.61 -13.95
CA GLU A 24 8.55 -4.10 -12.90
C GLU A 24 7.09 -4.14 -13.32
N GLN A 25 6.38 -5.16 -12.83
CA GLN A 25 4.96 -5.33 -13.08
C GLN A 25 4.34 -5.12 -11.71
N ILE A 26 3.61 -4.02 -11.56
CA ILE A 26 3.02 -3.66 -10.29
C ILE A 26 1.50 -3.60 -10.32
N ALA A 27 0.85 -4.45 -9.51
CA ALA A 27 -0.61 -4.47 -9.45
C ALA A 27 -1.09 -3.84 -8.16
N MSE A 28 -1.94 -2.82 -8.29
CA MSE A 28 -2.49 -2.12 -7.14
C MSE A 28 -4.00 -2.29 -7.10
O MSE A 28 -4.72 -1.82 -7.98
CB MSE A 28 -2.11 -0.64 -7.21
CG MSE A 28 -0.61 -0.41 -7.38
SE MSE A 28 -0.05 1.43 -7.43
CE MSE A 28 0.08 1.77 -5.54
N LEU A 29 -4.48 -2.99 -6.08
CA LEU A 29 -5.91 -3.23 -5.92
C LEU A 29 -6.66 -1.97 -5.53
N VAL A 30 -7.83 -1.77 -6.10
CA VAL A 30 -8.68 -0.63 -5.75
C VAL A 30 -10.07 -1.20 -5.56
N TYR A 31 -10.87 -0.56 -4.71
CA TYR A 31 -12.22 -1.04 -4.45
C TYR A 31 -13.05 0.09 -3.88
N PRO A 32 -14.39 -0.03 -3.94
CA PRO A 32 -15.25 1.03 -3.41
C PRO A 32 -14.97 1.29 -1.94
N GLY A 33 -14.90 2.56 -1.56
CA GLY A 33 -14.68 2.87 -0.15
C GLY A 33 -13.24 2.88 0.33
N MSE A 34 -12.29 2.66 -0.57
CA MSE A 34 -10.89 2.69 -0.16
C MSE A 34 -10.51 4.12 0.21
O MSE A 34 -11.17 5.06 -0.22
CB MSE A 34 -10.00 2.21 -1.31
CG MSE A 34 -9.98 3.18 -2.48
SE MSE A 34 -8.76 2.63 -3.86
CE MSE A 34 -9.29 3.86 -5.21
N THR A 35 -9.47 4.29 1.01
CA THR A 35 -8.99 5.62 1.38
C THR A 35 -8.02 5.91 0.25
N VAL A 36 -8.35 6.88 -0.60
CA VAL A 36 -7.51 7.14 -1.75
C VAL A 36 -6.05 7.47 -1.49
N MSE A 37 -5.75 8.18 -0.39
CA MSE A 37 -4.36 8.50 -0.08
C MSE A 37 -3.56 7.20 0.10
O MSE A 37 -2.35 7.15 -0.16
CB MSE A 37 -4.28 9.36 1.19
CG MSE A 37 -2.88 9.80 1.60
SE MSE A 37 -1.83 10.73 0.27
CE MSE A 37 -0.11 10.29 0.93
N ASP A 38 -4.24 6.15 0.56
CA ASP A 38 -3.58 4.85 0.77
C ASP A 38 -3.00 4.34 -0.54
N LEU A 39 -3.70 4.64 -1.63
CA LEU A 39 -3.29 4.21 -2.96
C LEU A 39 -2.28 5.17 -3.58
N VAL A 40 -2.60 6.47 -3.53
CA VAL A 40 -1.76 7.50 -4.15
C VAL A 40 -0.39 7.77 -3.53
N GLY A 41 -0.26 7.63 -2.21
CA GLY A 41 1.05 7.84 -1.60
C GLY A 41 1.99 6.88 -2.29
N PRO A 42 1.68 5.58 -2.29
CA PRO A 42 2.54 4.60 -2.94
C PRO A 42 2.61 4.81 -4.46
N HIS A 43 1.46 5.11 -5.07
CA HIS A 43 1.44 5.31 -6.51
C HIS A 43 2.42 6.41 -6.91
N CYS A 44 2.49 7.45 -6.09
CA CYS A 44 3.40 8.57 -6.33
C CYS A 44 4.83 8.05 -6.46
N MSE A 45 5.20 7.14 -5.57
CA MSE A 45 6.54 6.57 -5.60
C MSE A 45 6.73 5.52 -6.68
O MSE A 45 7.72 5.55 -7.40
CB MSE A 45 6.90 5.99 -4.23
CG MSE A 45 6.97 7.03 -3.11
SE MSE A 45 8.20 8.48 -3.45
CE MSE A 45 7.68 9.65 -2.05
N PHE A 46 5.79 4.58 -6.80
CA PHE A 46 5.91 3.55 -7.83
C PHE A 46 5.88 4.18 -9.21
N GLY A 47 5.12 5.26 -9.34
CA GLY A 47 4.99 5.95 -10.61
C GLY A 47 6.30 6.59 -11.06
N SER A 48 7.26 6.74 -10.16
CA SER A 48 8.54 7.34 -10.51
C SER A 48 9.47 6.35 -11.20
N LEU A 49 9.13 5.07 -11.17
CA LEU A 49 9.94 4.02 -11.78
C LEU A 49 9.84 3.99 -13.32
N MSE A 50 10.91 4.38 -14.00
CA MSE A 50 10.93 4.36 -15.47
C MSE A 50 10.88 2.93 -16.01
O MSE A 50 11.68 2.09 -15.59
CB MSE A 50 12.19 5.06 -15.99
CG MSE A 50 12.25 6.55 -15.76
SE MSE A 50 14.03 7.28 -16.08
CE MSE A 50 14.05 7.05 -17.98
N GLY A 51 9.97 2.68 -16.93
CA GLY A 51 9.87 1.35 -17.52
C GLY A 51 8.89 0.41 -16.83
N ALA A 52 8.50 0.74 -15.61
CA ALA A 52 7.58 -0.09 -14.86
C ALA A 52 6.16 0.07 -15.39
N LYS A 53 5.38 -1.00 -15.27
CA LYS A 53 4.00 -1.00 -15.69
C LYS A 53 3.13 -1.15 -14.46
N ILE A 54 2.25 -0.18 -14.22
CA ILE A 54 1.37 -0.22 -13.06
C ILE A 54 -0.05 -0.58 -13.49
N TYR A 55 -0.65 -1.53 -12.80
CA TYR A 55 -2.02 -1.95 -13.10
C TYR A 55 -2.93 -1.59 -11.93
N ILE A 56 -4.00 -0.85 -12.22
CA ILE A 56 -4.98 -0.47 -11.19
C ILE A 56 -6.06 -1.54 -11.34
N VAL A 57 -6.00 -2.53 -10.46
CA VAL A 57 -6.89 -3.69 -10.51
C VAL A 57 -8.14 -3.65 -9.63
N ALA A 58 -9.27 -4.02 -10.21
CA ALA A 58 -10.53 -4.06 -9.49
C ALA A 58 -11.38 -5.23 -9.99
N LYS A 59 -12.48 -5.50 -9.28
CA LYS A 59 -13.39 -6.58 -9.65
C LYS A 59 -13.91 -6.36 -11.08
N SER A 60 -14.08 -5.10 -11.45
CA SER A 60 -14.54 -4.74 -12.79
C SER A 60 -13.89 -3.42 -13.17
N LEU A 61 -14.13 -2.97 -14.40
CA LEU A 61 -13.53 -1.72 -14.83
C LEU A 61 -14.34 -0.48 -14.49
N ASP A 62 -15.50 -0.67 -13.84
CA ASP A 62 -16.31 0.48 -13.47
C ASP A 62 -15.53 1.31 -12.46
N PRO A 63 -15.68 2.65 -12.52
CA PRO A 63 -14.97 3.53 -11.59
C PRO A 63 -15.34 3.20 -10.15
N VAL A 64 -14.37 3.28 -9.24
CA VAL A 64 -14.61 3.02 -7.83
C VAL A 64 -14.50 4.34 -7.08
N THR A 65 -15.45 4.59 -6.18
CA THR A 65 -15.45 5.83 -5.42
C THR A 65 -14.84 5.64 -4.04
N SER A 66 -13.87 6.48 -3.69
CA SER A 66 -13.19 6.40 -2.40
C SER A 66 -14.10 6.78 -1.24
N ASP A 67 -13.59 6.58 -0.02
CA ASP A 67 -14.37 6.89 1.18
C ASP A 67 -14.62 8.39 1.34
N ALA A 68 -13.99 9.19 0.50
CA ALA A 68 -14.16 10.64 0.54
C ALA A 68 -14.77 11.15 -0.76
N GLY A 69 -15.26 10.23 -1.59
CA GLY A 69 -15.89 10.61 -2.84
C GLY A 69 -15.07 10.76 -4.12
N LEU A 70 -13.78 10.48 -4.07
CA LEU A 70 -12.96 10.61 -5.28
C LEU A 70 -13.01 9.30 -6.07
N ALA A 71 -13.42 9.38 -7.33
CA ALA A 71 -13.54 8.19 -8.16
C ALA A 71 -12.32 7.93 -9.04
N ILE A 72 -11.85 6.68 -9.02
CA ILE A 72 -10.69 6.25 -9.79
C ILE A 72 -11.12 5.20 -10.81
N VAL A 73 -10.55 5.24 -12.01
CA VAL A 73 -10.90 4.28 -13.05
C VAL A 73 -9.90 3.13 -13.11
N PRO A 74 -10.34 1.89 -12.87
CA PRO A 74 -9.43 0.74 -12.92
C PRO A 74 -8.92 0.54 -14.33
N THR A 75 -7.77 -0.12 -14.47
CA THR A 75 -7.20 -0.37 -15.79
C THR A 75 -7.08 -1.87 -16.04
N ALA A 76 -7.46 -2.66 -15.04
CA ALA A 76 -7.42 -4.12 -15.15
C ALA A 76 -8.40 -4.74 -14.18
N THR A 77 -8.83 -5.96 -14.49
CA THR A 77 -9.74 -6.71 -13.63
C THR A 77 -8.95 -7.90 -13.12
N PHE A 78 -9.54 -8.67 -12.22
CA PHE A 78 -8.86 -9.83 -11.67
C PHE A 78 -8.51 -10.81 -12.80
N GLY A 79 -9.22 -10.68 -13.91
CA GLY A 79 -8.97 -11.55 -15.05
C GLY A 79 -7.89 -11.06 -16.00
N THR A 80 -7.78 -9.74 -16.18
CA THR A 80 -6.78 -9.19 -17.09
C THR A 80 -5.46 -8.80 -16.42
N CYS A 81 -5.41 -8.87 -15.10
CA CYS A 81 -4.18 -8.55 -14.39
C CYS A 81 -3.16 -9.65 -14.64
N PRO A 82 -1.90 -9.29 -14.95
CA PRO A 82 -0.87 -10.31 -15.20
C PRO A 82 -0.81 -11.35 -14.09
N ARG A 83 -0.42 -12.58 -14.46
CA ARG A 83 -0.32 -13.67 -13.50
C ARG A 83 0.89 -13.56 -12.57
N ASP A 84 2.04 -13.18 -13.12
CA ASP A 84 3.25 -13.03 -12.33
C ASP A 84 3.58 -11.55 -12.18
N LEU A 85 3.65 -11.09 -10.93
CA LEU A 85 3.92 -9.68 -10.65
C LEU A 85 5.19 -9.43 -9.84
N THR A 86 5.73 -8.23 -9.97
CA THR A 86 6.90 -7.84 -9.20
C THR A 86 6.35 -7.43 -7.84
N VAL A 87 5.23 -6.71 -7.87
CA VAL A 87 4.59 -6.24 -6.65
C VAL A 87 3.07 -6.35 -6.66
N LEU A 88 2.53 -6.86 -5.57
CA LEU A 88 1.07 -6.96 -5.40
C LEU A 88 0.83 -6.00 -4.25
N PHE A 89 -0.14 -5.10 -4.40
CA PHE A 89 -0.38 -4.09 -3.36
C PHE A 89 -1.87 -3.89 -3.06
N ALA A 90 -2.18 -3.66 -1.78
CA ALA A 90 -3.56 -3.42 -1.37
C ALA A 90 -3.64 -2.20 -0.45
N PRO A 91 -4.52 -1.25 -0.78
CA PRO A 91 -4.70 -0.03 0.04
C PRO A 91 -5.74 -0.31 1.11
N GLY A 92 -5.89 0.64 2.04
CA GLY A 92 -6.84 0.50 3.13
C GLY A 92 -8.13 1.29 2.98
N GLY A 93 -8.80 1.47 4.12
CA GLY A 93 -10.07 2.17 4.19
C GLY A 93 -10.80 1.58 5.38
N THR A 94 -12.12 1.66 5.43
CA THR A 94 -12.85 1.09 6.57
C THR A 94 -13.87 0.06 6.12
N ASP A 95 -15.15 0.44 6.06
CA ASP A 95 -16.19 -0.49 5.64
C ASP A 95 -15.90 -1.06 4.25
N GLY A 96 -15.32 -0.24 3.38
CA GLY A 96 -15.00 -0.70 2.04
C GLY A 96 -13.93 -1.78 2.06
N THR A 97 -13.01 -1.65 3.02
CA THR A 97 -11.91 -2.59 3.18
C THR A 97 -12.41 -3.90 3.75
N LEU A 98 -13.36 -3.83 4.69
CA LEU A 98 -13.93 -5.03 5.30
C LEU A 98 -14.70 -5.78 4.22
N ALA A 99 -15.39 -5.04 3.36
CA ALA A 99 -16.14 -5.65 2.27
C ALA A 99 -15.18 -6.36 1.32
N ALA A 100 -14.09 -5.67 0.97
CA ALA A 100 -13.11 -6.27 0.06
C ALA A 100 -12.48 -7.51 0.69
N ALA A 101 -12.19 -7.45 1.98
CA ALA A 101 -11.56 -8.56 2.69
C ALA A 101 -12.54 -9.72 2.94
N SER A 102 -13.80 -9.52 2.58
CA SER A 102 -14.83 -10.56 2.77
C SER A 102 -15.40 -11.02 1.44
N ASP A 103 -14.90 -10.46 0.34
CA ASP A 103 -15.36 -10.80 -1.00
C ASP A 103 -14.57 -11.99 -1.55
N ALA A 104 -15.27 -13.09 -1.83
CA ALA A 104 -14.63 -14.30 -2.34
C ALA A 104 -13.77 -14.10 -3.58
N GLU A 105 -14.27 -13.36 -4.56
CA GLU A 105 -13.51 -13.13 -5.78
C GLU A 105 -12.24 -12.34 -5.53
N THR A 106 -12.34 -11.31 -4.69
CA THR A 106 -11.18 -10.48 -4.37
C THR A 106 -10.12 -11.32 -3.65
N LEU A 107 -10.55 -12.10 -2.67
CA LEU A 107 -9.60 -12.92 -1.93
C LEU A 107 -8.92 -13.95 -2.83
N ALA A 108 -9.70 -14.57 -3.72
CA ALA A 108 -9.14 -15.57 -4.64
C ALA A 108 -8.06 -14.95 -5.49
N PHE A 109 -8.31 -13.73 -5.98
CA PHE A 109 -7.36 -13.01 -6.81
C PHE A 109 -6.08 -12.70 -6.02
N MSE A 110 -6.26 -12.17 -4.82
CA MSE A 110 -5.12 -11.83 -3.98
C MSE A 110 -4.31 -13.06 -3.60
O MSE A 110 -3.08 -13.03 -3.63
CB MSE A 110 -5.60 -11.11 -2.71
CG MSE A 110 -6.18 -9.71 -2.96
SE MSE A 110 -4.98 -8.45 -3.80
CE MSE A 110 -3.81 -8.16 -2.32
N ALA A 111 -5.00 -14.16 -3.30
CA ALA A 111 -4.32 -15.39 -2.93
C ALA A 111 -3.52 -15.96 -4.10
N ASP A 112 -4.12 -15.95 -5.29
CA ASP A 112 -3.45 -16.46 -6.48
C ASP A 112 -2.21 -15.64 -6.83
N ARG A 113 -2.42 -14.35 -7.06
CA ARG A 113 -1.31 -13.47 -7.42
C ARG A 113 -0.25 -13.43 -6.32
N GLY A 114 -0.69 -13.50 -5.07
CA GLY A 114 0.25 -13.47 -3.96
C GLY A 114 1.16 -14.68 -3.91
N ALA A 115 0.71 -15.80 -4.48
CA ALA A 115 1.50 -17.02 -4.49
C ALA A 115 2.73 -16.91 -5.40
N ARG A 116 2.71 -15.95 -6.32
CA ARG A 116 3.83 -15.78 -7.25
C ARG A 116 4.48 -14.40 -7.26
N ALA A 117 3.87 -13.43 -6.57
CA ALA A 117 4.42 -12.07 -6.54
C ALA A 117 5.76 -12.00 -5.83
N LYS A 118 6.70 -11.23 -6.39
CA LYS A 118 8.02 -11.09 -5.79
C LYS A 118 7.88 -10.38 -4.43
N TYR A 119 6.98 -9.38 -4.39
CA TYR A 119 6.73 -8.64 -3.17
C TYR A 119 5.23 -8.57 -2.93
N ILE A 120 4.83 -8.79 -1.68
CA ILE A 120 3.43 -8.73 -1.26
C ILE A 120 3.39 -7.54 -0.32
N THR A 121 2.62 -6.53 -0.69
CA THR A 121 2.59 -5.30 0.09
C THR A 121 1.21 -4.72 0.33
N SER A 122 1.14 -3.78 1.26
CA SER A 122 -0.11 -3.10 1.59
C SER A 122 0.21 -1.90 2.46
N VAL A 123 -0.77 -1.01 2.56
CA VAL A 123 -0.63 0.18 3.40
C VAL A 123 -1.92 0.30 4.20
N CYS A 124 -1.81 0.76 5.44
CA CYS A 124 -2.99 0.97 6.27
C CYS A 124 -3.78 -0.33 6.48
N SER A 125 -5.11 -0.24 6.50
CA SER A 125 -5.92 -1.44 6.71
C SER A 125 -5.85 -2.43 5.56
N GLY A 126 -5.07 -2.10 4.54
CA GLY A 126 -4.92 -3.01 3.41
C GLY A 126 -4.34 -4.34 3.88
N SER A 127 -3.64 -4.34 5.01
CA SER A 127 -3.07 -5.58 5.50
C SER A 127 -4.15 -6.57 5.98
N LEU A 128 -5.38 -6.09 6.16
CA LEU A 128 -6.46 -6.98 6.56
C LEU A 128 -6.81 -7.84 5.34
N ILE A 129 -6.68 -7.24 4.16
CA ILE A 129 -6.95 -7.94 2.92
C ILE A 129 -5.88 -9.00 2.70
N LEU A 130 -4.62 -8.64 2.92
CA LEU A 130 -3.51 -9.59 2.76
C LEU A 130 -3.70 -10.75 3.73
N GLY A 131 -4.11 -10.44 4.95
CA GLY A 131 -4.31 -11.47 5.95
C GLY A 131 -5.46 -12.38 5.61
N ALA A 132 -6.59 -11.79 5.22
CA ALA A 132 -7.78 -12.58 4.89
C ALA A 132 -7.53 -13.45 3.66
N ALA A 133 -6.58 -13.04 2.81
CA ALA A 133 -6.26 -13.80 1.61
C ALA A 133 -5.25 -14.90 1.93
N GLY A 134 -4.86 -14.98 3.20
CA GLY A 134 -3.91 -15.98 3.65
C GLY A 134 -2.47 -15.72 3.28
N LEU A 135 -2.12 -14.44 3.13
CA LEU A 135 -0.76 -14.04 2.74
C LEU A 135 0.14 -13.59 3.89
N LEU A 136 -0.35 -13.66 5.13
CA LEU A 136 0.47 -13.23 6.26
C LEU A 136 0.65 -14.31 7.31
N LYS A 137 0.71 -15.57 6.88
CA LYS A 137 0.87 -16.69 7.81
C LYS A 137 2.28 -16.71 8.38
N GLY A 138 2.40 -16.27 9.63
CA GLY A 138 3.69 -16.24 10.29
C GLY A 138 4.52 -15.02 9.95
N TYR A 139 3.93 -14.06 9.26
CA TYR A 139 4.64 -12.84 8.86
C TYR A 139 4.36 -11.64 9.75
N LYS A 140 5.41 -10.88 10.04
CA LYS A 140 5.26 -9.67 10.83
C LYS A 140 4.62 -8.68 9.87
N ALA A 141 3.72 -7.85 10.38
CA ALA A 141 3.06 -6.87 9.53
C ALA A 141 2.42 -5.79 10.38
N THR A 142 2.27 -4.60 9.79
CA THR A 142 1.65 -3.50 10.50
C THR A 142 0.35 -3.14 9.80
N SER A 143 -0.32 -2.09 10.27
CA SER A 143 -1.59 -1.67 9.68
C SER A 143 -1.95 -0.35 10.33
N HIS A 144 -3.16 0.14 10.09
CA HIS A 144 -3.58 1.38 10.73
C HIS A 144 -3.64 1.03 12.22
N TRP A 145 -3.41 1.99 13.09
CA TRP A 145 -3.43 1.69 14.51
C TRP A 145 -4.77 1.17 15.02
N SER A 146 -5.86 1.47 14.31
CA SER A 146 -7.18 1.04 14.75
C SER A 146 -7.49 -0.44 14.54
N CYS A 147 -6.69 -1.13 13.74
CA CYS A 147 -6.95 -2.54 13.46
C CYS A 147 -5.70 -3.41 13.38
N ARG A 148 -4.56 -2.88 13.80
CA ARG A 148 -3.30 -3.61 13.74
C ARG A 148 -3.33 -4.97 14.47
N ASP A 149 -3.86 -4.98 15.68
CA ASP A 149 -3.90 -6.23 16.44
C ASP A 149 -4.78 -7.31 15.84
N ALA A 150 -5.77 -6.91 15.04
CA ALA A 150 -6.65 -7.88 14.41
C ALA A 150 -5.88 -8.84 13.51
N LEU A 151 -4.76 -8.37 12.97
CA LEU A 151 -3.93 -9.18 12.07
C LEU A 151 -3.53 -10.54 12.64
N ALA A 152 -3.41 -10.64 13.96
CA ALA A 152 -3.04 -11.89 14.61
C ALA A 152 -4.01 -13.01 14.27
N GLY A 153 -5.27 -12.63 14.01
CA GLY A 153 -6.27 -13.61 13.67
C GLY A 153 -6.02 -14.28 12.33
N PHE A 154 -5.22 -13.65 11.49
CA PHE A 154 -4.90 -14.19 10.17
C PHE A 154 -3.56 -14.91 10.21
N GLY A 155 -2.99 -15.05 11.40
CA GLY A 155 -1.72 -15.74 11.53
C GLY A 155 -0.51 -14.83 11.44
N ALA A 156 -0.76 -13.53 11.39
CA ALA A 156 0.34 -12.57 11.31
C ALA A 156 0.81 -12.18 12.70
N ILE A 157 1.94 -11.48 12.76
CA ILE A 157 2.50 -11.02 14.01
C ILE A 157 2.40 -9.50 13.98
N PRO A 158 1.38 -8.94 14.64
CA PRO A 158 1.21 -7.48 14.65
C PRO A 158 2.48 -6.81 15.15
N THR A 159 3.01 -5.88 14.36
CA THR A 159 4.24 -5.18 14.70
C THR A 159 4.02 -3.67 14.64
N GLU A 160 4.32 -2.96 15.73
CA GLU A 160 4.12 -1.51 15.73
C GLU A 160 5.32 -0.74 15.19
N ALA A 161 5.31 -0.52 13.88
CA ALA A 161 6.34 0.23 13.19
C ALA A 161 5.63 0.85 11.98
N ARG A 162 6.15 1.98 11.50
CA ARG A 162 5.52 2.65 10.36
C ARG A 162 5.64 1.83 9.08
N VAL A 163 6.77 1.14 8.94
CA VAL A 163 7.02 0.28 7.79
C VAL A 163 7.63 -1.01 8.33
N VAL A 164 7.04 -2.14 7.96
CA VAL A 164 7.53 -3.43 8.42
C VAL A 164 7.86 -4.37 7.27
N ARG A 165 9.06 -4.94 7.30
CA ARG A 165 9.43 -5.89 6.27
C ARG A 165 9.79 -7.23 6.90
N ASP A 166 9.22 -8.29 6.35
CA ASP A 166 9.50 -9.64 6.81
C ASP A 166 9.59 -10.46 5.53
N ARG A 167 10.82 -10.80 5.15
CA ARG A 167 11.04 -11.54 3.92
C ARG A 167 10.48 -10.71 2.77
N ASN A 168 9.56 -11.27 1.98
CA ASN A 168 9.02 -10.49 0.86
C ASN A 168 7.68 -9.83 1.16
N ARG A 169 7.36 -9.69 2.44
CA ARG A 169 6.14 -9.01 2.87
C ARG A 169 6.54 -7.65 3.41
N ILE A 170 6.05 -6.59 2.79
CA ILE A 170 6.37 -5.24 3.24
C ILE A 170 5.06 -4.48 3.43
N THR A 171 4.81 -4.04 4.65
CA THR A 171 3.58 -3.33 4.96
C THR A 171 3.82 -1.96 5.60
N GLY A 172 2.95 -1.01 5.27
CA GLY A 172 3.05 0.32 5.83
C GLY A 172 1.90 0.55 6.79
N ALA A 173 2.08 1.44 7.75
CA ALA A 173 1.03 1.72 8.72
C ALA A 173 -0.09 2.57 8.13
N GLY A 174 -0.78 3.30 9.00
CA GLY A 174 -1.88 4.13 8.54
C GLY A 174 -1.61 5.17 7.48
N VAL A 175 -2.64 5.37 6.65
CA VAL A 175 -2.65 6.33 5.55
C VAL A 175 -1.34 6.90 5.01
N THR A 176 -0.91 8.04 5.54
CA THR A 176 0.31 8.70 5.06
C THR A 176 1.58 7.88 5.11
N ALA A 177 1.58 6.79 5.88
CA ALA A 177 2.75 5.93 5.97
C ALA A 177 3.10 5.38 4.57
N GLY A 178 2.13 5.39 3.68
CA GLY A 178 2.33 4.89 2.33
C GLY A 178 3.49 5.55 1.61
N LEU A 179 3.76 6.81 1.92
CA LEU A 179 4.86 7.53 1.29
C LEU A 179 6.22 6.96 1.71
N ASP A 180 6.36 6.66 2.99
CA ASP A 180 7.62 6.10 3.48
C ASP A 180 7.78 4.68 2.95
N PHE A 181 6.68 3.96 2.90
CA PHE A 181 6.67 2.61 2.38
C PHE A 181 7.10 2.68 0.90
N GLY A 182 6.51 3.62 0.17
CA GLY A 182 6.81 3.78 -1.24
C GLY A 182 8.25 4.13 -1.55
N LEU A 183 8.79 5.13 -0.84
CA LEU A 183 10.16 5.54 -1.07
C LEU A 183 11.13 4.39 -0.80
N SER A 184 10.84 3.62 0.24
CA SER A 184 11.68 2.47 0.56
C SER A 184 11.57 1.43 -0.55
N MSE A 185 10.38 1.27 -1.11
CA MSE A 185 10.20 0.30 -2.19
C MSE A 185 11.00 0.72 -3.43
O MSE A 185 11.59 -0.12 -4.12
CB MSE A 185 8.72 0.15 -2.56
CG MSE A 185 7.89 -0.67 -1.55
SE MSE A 185 8.49 -2.49 -1.29
CE MSE A 185 8.26 -3.16 -3.07
N VAL A 186 11.02 2.02 -3.70
CA VAL A 186 11.77 2.51 -4.86
C VAL A 186 13.26 2.15 -4.73
N ALA A 187 13.81 2.29 -3.52
CA ALA A 187 15.22 1.96 -3.32
C ALA A 187 15.43 0.45 -3.42
N GLU A 188 14.47 -0.31 -2.91
CA GLU A 188 14.54 -1.77 -2.95
C GLU A 188 14.55 -2.27 -4.39
N LEU A 189 13.67 -1.70 -5.21
CA LEU A 189 13.55 -2.09 -6.61
C LEU A 189 14.69 -1.58 -7.51
N ARG A 190 15.19 -0.38 -7.23
CA ARG A 190 16.29 0.19 -8.02
C ARG A 190 17.45 0.32 -7.04
N ASP A 191 17.77 1.55 -6.62
CA ASP A 191 18.83 1.73 -5.63
C ASP A 191 18.56 3.00 -4.84
N GLN A 192 19.39 3.29 -3.84
CA GLN A 192 19.14 4.47 -3.01
C GLN A 192 19.21 5.79 -3.75
N THR A 193 20.12 5.89 -4.71
CA THR A 193 20.26 7.13 -5.47
C THR A 193 18.98 7.43 -6.24
N TYR A 194 18.39 6.39 -6.83
CA TYR A 194 17.17 6.58 -7.60
C TYR A 194 16.10 7.09 -6.65
N ALA A 195 16.02 6.46 -5.47
CA ALA A 195 15.03 6.85 -4.47
C ALA A 195 15.23 8.31 -4.04
N GLU A 196 16.48 8.72 -3.90
CA GLU A 196 16.77 10.08 -3.48
C GLU A 196 16.32 11.06 -4.55
N CYS A 197 16.44 10.68 -5.82
CA CYS A 197 16.00 11.54 -6.91
C CYS A 197 14.48 11.72 -6.82
N ALA A 198 13.78 10.62 -6.58
CA ALA A 198 12.33 10.64 -6.45
C ALA A 198 11.91 11.50 -5.25
N GLN A 199 12.68 11.39 -4.16
CA GLN A 199 12.38 12.15 -2.96
C GLN A 199 12.55 13.65 -3.20
N LEU A 200 13.59 14.02 -3.94
CA LEU A 200 13.82 15.43 -4.22
C LEU A 200 12.77 15.96 -5.19
N MSE A 201 12.41 15.15 -6.18
CA MSE A 201 11.41 15.55 -7.18
C MSE A 201 10.04 15.76 -6.54
O MSE A 201 9.29 16.63 -6.95
CB MSE A 201 11.34 14.49 -8.29
CG MSE A 201 10.46 14.84 -9.48
SE MSE A 201 11.04 16.43 -10.40
CE MSE A 201 12.88 16.15 -10.29
N SER A 202 9.73 14.95 -5.53
CA SER A 202 8.44 15.06 -4.84
C SER A 202 8.58 15.96 -3.62
N GLU A 203 9.77 16.54 -3.45
CA GLU A 203 10.07 17.41 -2.32
C GLU A 203 9.58 16.79 -1.03
N TYR A 204 9.89 15.52 -0.82
CA TYR A 204 9.43 14.83 0.38
C TYR A 204 10.32 15.07 1.60
N ASP A 205 10.12 16.25 2.19
CA ASP A 205 10.83 16.67 3.39
C ASP A 205 9.70 17.33 4.18
N PRO A 206 8.80 16.51 4.74
CA PRO A 206 7.65 16.97 5.52
C PRO A 206 7.94 17.87 6.70
N ASP A 207 7.00 18.77 6.95
CA ASP A 207 7.08 19.71 8.06
C ASP A 207 5.67 19.89 8.59
N PRO A 208 5.11 18.83 9.22
CA PRO A 208 3.74 18.89 9.75
C PRO A 208 3.54 20.08 10.68
N PRO A 209 2.45 20.84 10.48
CA PRO A 209 2.17 22.01 11.31
C PRO A 209 1.78 21.68 12.76
N PHE A 210 1.44 20.43 13.02
CA PHE A 210 1.05 20.00 14.36
C PHE A 210 1.79 18.72 14.70
N ASN A 211 1.66 18.27 15.94
CA ASN A 211 2.37 17.09 16.39
C ASN A 211 1.49 15.98 16.93
N ALA A 212 0.41 15.66 16.22
CA ALA A 212 -0.50 14.61 16.68
C ALA A 212 -0.60 13.45 15.69
N GLY A 213 0.49 13.18 14.97
CA GLY A 213 0.48 12.10 13.99
C GLY A 213 0.70 10.70 14.54
N SER A 214 1.00 10.58 15.82
CA SER A 214 1.22 9.27 16.43
C SER A 214 0.54 9.20 17.79
N MSE A 215 0.14 7.99 18.19
CA MSE A 215 -0.53 7.79 19.47
C MSE A 215 0.28 8.28 20.66
O MSE A 215 -0.27 8.57 21.71
CB MSE A 215 -0.88 6.31 19.64
CG MSE A 215 -1.91 5.77 18.65
SE MSE A 215 -3.72 6.44 18.89
CE MSE A 215 -4.44 4.95 19.88
N LYS A 216 1.59 8.39 20.49
CA LYS A 216 2.46 8.82 21.59
C LYS A 216 2.71 10.33 21.72
N THR A 217 2.38 11.11 20.70
CA THR A 217 2.59 12.55 20.77
C THR A 217 1.29 13.35 20.70
N ALA A 218 0.21 12.70 20.25
CA ALA A 218 -1.08 13.37 20.14
C ALA A 218 -1.62 13.69 21.52
N PRO A 219 -2.37 14.79 21.64
CA PRO A 219 -2.94 15.16 22.94
C PRO A 219 -3.80 14.01 23.45
N ALA A 220 -3.79 13.76 24.75
CA ALA A 220 -4.57 12.67 25.30
C ALA A 220 -6.03 12.72 24.86
N HIS A 221 -6.63 13.90 24.84
CA HIS A 221 -8.03 14.03 24.44
C HIS A 221 -8.26 13.70 22.97
N VAL A 222 -7.24 13.91 22.14
CA VAL A 222 -7.37 13.59 20.72
C VAL A 222 -7.30 12.06 20.57
N ARG A 223 -6.36 11.44 21.29
CA ARG A 223 -6.22 9.99 21.23
C ARG A 223 -7.51 9.33 21.69
N THR A 224 -8.01 9.75 22.84
CA THR A 224 -9.25 9.21 23.41
C THR A 224 -10.42 9.35 22.45
N ALA A 225 -10.55 10.53 21.85
CA ALA A 225 -11.64 10.81 20.92
C ALA A 225 -11.56 9.92 19.69
N MSE A 226 -10.38 9.81 19.10
CA MSE A 226 -10.22 8.99 17.91
C MSE A 226 -10.35 7.51 18.19
O MSE A 226 -10.84 6.75 17.34
CB MSE A 226 -8.89 9.31 17.20
CG MSE A 226 -8.81 10.72 16.61
SE MSE A 226 -10.28 11.20 15.45
CE MSE A 226 -11.45 11.97 16.76
N ILE A 227 -9.92 7.06 19.37
CA ILE A 227 -10.06 5.65 19.70
C ILE A 227 -11.54 5.30 19.72
N GLU A 228 -12.36 6.22 20.22
CA GLU A 228 -13.81 6.01 20.28
C GLU A 228 -14.46 6.08 18.90
N LEU A 229 -14.00 7.01 18.08
CA LEU A 229 -14.55 7.18 16.75
C LEU A 229 -14.35 5.94 15.87
N VAL A 230 -13.22 5.28 16.02
CA VAL A 230 -12.94 4.09 15.20
C VAL A 230 -13.36 2.79 15.90
N ALA A 231 -13.94 2.90 17.09
CA ALA A 231 -14.36 1.72 17.85
C ALA A 231 -15.14 0.71 17.01
N GLU A 232 -16.09 1.19 16.22
CA GLU A 232 -16.89 0.29 15.40
C GLU A 232 -16.02 -0.48 14.40
N PHE A 233 -15.07 0.21 13.78
CA PHE A 233 -14.17 -0.43 12.82
C PHE A 233 -13.25 -1.42 13.54
N THR A 234 -12.71 -1.02 14.67
CA THR A 234 -11.82 -1.91 15.42
C THR A 234 -12.51 -3.23 15.74
N LYS A 235 -13.74 -3.15 16.22
CA LYS A 235 -14.47 -4.37 16.56
C LYS A 235 -14.78 -5.21 15.31
N LYS A 236 -15.17 -4.56 14.22
CA LYS A 236 -15.48 -5.29 12.98
C LYS A 236 -14.23 -5.94 12.40
N ALA A 237 -13.08 -5.28 12.58
CA ALA A 237 -11.82 -5.83 12.09
C ALA A 237 -11.51 -7.09 12.89
N ASP A 238 -11.64 -7.02 14.21
CA ASP A 238 -11.39 -8.18 15.05
C ASP A 238 -12.32 -9.32 14.66
N ALA A 239 -13.58 -9.00 14.38
CA ALA A 239 -14.56 -10.02 13.99
C ALA A 239 -14.15 -10.66 12.68
N LEU A 240 -13.71 -9.84 11.74
CA LEU A 240 -13.27 -10.31 10.43
C LEU A 240 -12.11 -11.29 10.58
N ALA A 241 -11.23 -11.01 11.54
CA ALA A 241 -10.06 -11.85 11.78
C ALA A 241 -10.39 -13.09 12.59
N GLY A 242 -11.67 -13.27 12.90
CA GLY A 242 -12.08 -14.45 13.65
C GLY A 242 -12.11 -14.38 15.16
N PHE A 243 -12.00 -13.19 15.75
CA PHE A 243 -12.04 -13.09 17.20
C PHE A 243 -13.48 -12.97 17.71
C1 GOL B . -8.47 5.03 7.78
O1 GOL B . -8.69 4.91 6.39
C2 GOL B . -9.06 3.83 8.51
O2 GOL B . -8.44 2.62 8.03
C3 GOL B . -8.83 3.97 10.00
O3 GOL B . -9.40 2.86 10.69
#